data_1K77
#
_entry.id   1K77
#
_cell.length_a   104.907
_cell.length_b   74.368
_cell.length_c   39.376
_cell.angle_alpha   90.00
_cell.angle_beta   98.81
_cell.angle_gamma   90.00
#
_symmetry.space_group_name_H-M   'C 1 2 1'
#
loop_
_entity.id
_entity.type
_entity.pdbx_description
1 polymer 'Hypothetical protein ygbM'
2 non-polymer 'MAGNESIUM ION'
3 non-polymer GLYCEROL
4 non-polymer 'FORMIC ACID'
5 water water
#
_entity_poly.entity_id   1
_entity_poly.type   'polypeptide(L)'
_entity_poly.pdbx_seq_one_letter_code
;(MSE)PRFAANLS(MSE)(MSE)FTEVPFIERFAAARKAGFDAVEFLFPYNYSTLQIQKQLEQNHLTLALFNTAPGDINA
GEWGLSALPGREHEAHADIDLALEYALALNCEQVHV(MSE)AGVVPAGEDAERYRAVFIDNIRYAADRFAPHGKRILVEA
LSPGVKPHYLFSSQYQALAIVEEVARDNVFIQLDTFHAQKVDGNLTHLIRDYAGKYAHVQIAGLPDRHEPDDGEINYPWL
FRLFDEVGYQGWIGCEYKPRGLTEEGLGWFDAWRGS
;
_entity_poly.pdbx_strand_id   A
#
loop_
_chem_comp.id
_chem_comp.type
_chem_comp.name
_chem_comp.formula
FMT non-polymer 'FORMIC ACID' 'C H2 O2'
GOL non-polymer GLYCEROL 'C3 H8 O3'
MG non-polymer 'MAGNESIUM ION' 'Mg 2'
#
# COMPACT_ATOMS: atom_id res chain seq x y z
N MSE A 1 -4.02 1.26 -20.29
CA MSE A 1 -4.16 1.09 -18.82
C MSE A 1 -3.81 -0.35 -18.40
O MSE A 1 -3.49 -1.18 -19.24
CB MSE A 1 -5.58 1.44 -18.36
CG MSE A 1 -6.71 0.79 -19.18
SE MSE A 1 -6.75 -1.14 -19.11
CE MSE A 1 -5.94 -1.50 -20.83
N PRO A 2 -3.84 -0.66 -17.09
CA PRO A 2 -4.18 0.21 -15.95
C PRO A 2 -3.08 1.22 -15.66
N ARG A 3 -3.27 2.01 -14.60
CA ARG A 3 -2.28 2.98 -14.18
C ARG A 3 -1.41 2.30 -13.14
N PHE A 4 -0.17 1.96 -13.51
CA PHE A 4 0.74 1.28 -12.60
C PHE A 4 1.68 2.21 -11.83
N ALA A 5 1.92 1.88 -10.57
CA ALA A 5 2.84 2.65 -9.73
C ALA A 5 3.90 1.64 -9.28
N ALA A 6 5.17 1.98 -9.46
CA ALA A 6 6.24 1.08 -9.05
C ALA A 6 6.51 1.22 -7.56
N ASN A 7 6.56 0.10 -6.83
CA ASN A 7 6.83 0.17 -5.40
C ASN A 7 8.35 0.14 -5.21
N LEU A 8 8.91 1.29 -4.84
CA LEU A 8 10.35 1.44 -4.68
C LEU A 8 10.97 0.76 -3.47
N SER A 9 10.15 0.16 -2.61
CA SER A 9 10.68 -0.54 -1.45
C SER A 9 10.94 -2.00 -1.85
N MSE A 10 10.35 -2.41 -2.97
CA MSE A 10 10.47 -3.78 -3.47
C MSE A 10 11.17 -3.87 -4.82
O MSE A 10 11.92 -4.82 -5.09
CB MSE A 10 9.08 -4.38 -3.62
CG MSE A 10 8.29 -4.35 -2.34
SE MSE A 10 8.87 -5.79 -1.23
CE MSE A 10 7.68 -7.10 -2.00
N MSE A 11 10.92 -2.89 -5.68
CA MSE A 11 11.49 -2.83 -7.01
C MSE A 11 12.68 -1.86 -7.07
O MSE A 11 12.72 -0.90 -6.30
CB MSE A 11 10.43 -2.38 -8.02
CG MSE A 11 9.27 -3.33 -8.20
SE MSE A 11 7.93 -2.64 -9.42
CE MSE A 11 8.99 -2.59 -11.04
N PHE A 12 13.60 -2.12 -7.99
CA PHE A 12 14.78 -1.27 -8.21
C PHE A 12 15.68 -1.20 -6.99
N THR A 13 15.67 -2.24 -6.15
CA THR A 13 16.51 -2.22 -4.95
C THR A 13 17.99 -2.43 -5.26
N GLU A 14 18.32 -2.55 -6.54
CA GLU A 14 19.71 -2.70 -6.95
C GLU A 14 20.44 -1.39 -6.64
N VAL A 15 19.69 -0.29 -6.61
CA VAL A 15 20.25 1.03 -6.33
C VAL A 15 19.68 1.63 -5.07
N PRO A 16 20.37 2.64 -4.49
CA PRO A 16 19.90 3.30 -3.28
C PRO A 16 18.52 3.89 -3.52
N PHE A 17 17.71 3.92 -2.47
CA PHE A 17 16.34 4.44 -2.53
C PHE A 17 16.19 5.73 -3.33
N ILE A 18 17.00 6.73 -3.01
CA ILE A 18 16.89 8.01 -3.69
C ILE A 18 17.08 7.95 -5.20
N GLU A 19 17.76 6.91 -5.68
CA GLU A 19 18.00 6.74 -7.10
C GLU A 19 16.92 5.93 -7.81
N ARG A 20 15.99 5.38 -7.05
CA ARG A 20 14.93 4.56 -7.62
C ARG A 20 13.84 5.32 -8.34
N PHE A 21 13.70 6.61 -8.04
CA PHE A 21 12.69 7.42 -8.71
C PHE A 21 13.08 7.56 -10.18
N ALA A 22 14.36 7.84 -10.44
CA ALA A 22 14.83 7.97 -11.81
C ALA A 22 14.75 6.63 -12.52
N ALA A 23 15.03 5.55 -11.79
CA ALA A 23 14.98 4.21 -12.37
C ALA A 23 13.55 3.87 -12.81
N ALA A 24 12.58 4.23 -11.98
CA ALA A 24 11.19 3.97 -12.29
C ALA A 24 10.75 4.76 -13.53
N ARG A 25 11.14 6.04 -13.59
CA ARG A 25 10.78 6.84 -14.75
C ARG A 25 11.45 6.29 -16.01
N LYS A 26 12.71 5.87 -15.89
CA LYS A 26 13.43 5.32 -17.03
C LYS A 26 12.69 4.11 -17.59
N ALA A 27 12.06 3.34 -16.71
CA ALA A 27 11.33 2.15 -17.12
C ALA A 27 9.96 2.50 -17.70
N GLY A 28 9.49 3.72 -17.45
CA GLY A 28 8.20 4.13 -17.99
C GLY A 28 7.06 4.37 -17.01
N PHE A 29 7.32 4.21 -15.72
CA PHE A 29 6.29 4.41 -14.72
C PHE A 29 6.00 5.90 -14.50
N ASP A 30 4.73 6.23 -14.32
CA ASP A 30 4.32 7.62 -14.09
C ASP A 30 4.11 7.87 -12.60
N ALA A 31 4.07 6.81 -11.82
CA ALA A 31 3.87 6.97 -10.38
C ALA A 31 4.68 5.93 -9.62
N VAL A 32 4.90 6.22 -8.35
CA VAL A 32 5.64 5.32 -7.47
C VAL A 32 4.98 5.30 -6.11
N GLU A 33 5.36 4.30 -5.31
CA GLU A 33 4.86 4.17 -3.96
C GLU A 33 6.00 3.50 -3.22
N PHE A 34 5.96 3.52 -1.90
CA PHE A 34 6.99 2.88 -1.10
C PHE A 34 6.49 2.79 0.32
N LEU A 35 7.27 2.19 1.20
CA LEU A 35 6.82 2.06 2.58
C LEU A 35 7.10 3.26 3.46
N PHE A 36 8.39 3.51 3.73
CA PHE A 36 8.76 4.59 4.64
C PHE A 36 9.74 5.62 4.09
N PRO A 37 9.30 6.88 4.00
CA PRO A 37 10.14 7.96 3.49
C PRO A 37 10.84 8.76 4.58
N TYR A 38 10.54 8.42 5.83
CA TYR A 38 11.05 9.15 7.00
C TYR A 38 12.56 9.34 7.19
N ASN A 39 13.38 8.48 6.62
CA ASN A 39 14.82 8.66 6.78
C ASN A 39 15.36 9.68 5.79
N TYR A 40 14.46 10.23 4.97
CA TYR A 40 14.84 11.24 3.98
C TYR A 40 13.98 12.47 4.20
N SER A 41 14.51 13.65 3.87
CA SER A 41 13.75 14.88 4.04
C SER A 41 12.69 14.98 2.97
N THR A 42 11.62 15.70 3.25
CA THR A 42 10.56 15.87 2.25
C THR A 42 11.14 16.58 1.04
N LEU A 43 12.13 17.44 1.27
CA LEU A 43 12.78 18.17 0.19
C LEU A 43 13.49 17.22 -0.77
N GLN A 44 14.22 16.27 -0.21
CA GLN A 44 14.96 15.26 -0.99
C GLN A 44 14.04 14.49 -1.92
N ILE A 45 12.93 13.99 -1.37
CA ILE A 45 11.99 13.20 -2.16
C ILE A 45 11.24 14.07 -3.17
N GLN A 46 10.79 15.24 -2.73
N GLN A 46 10.78 15.24 -2.73
CA GLN A 46 10.06 16.15 -3.60
CA GLN A 46 10.05 16.15 -3.61
C GLN A 46 10.87 16.47 -4.85
C GLN A 46 10.87 16.47 -4.86
N LYS A 47 12.17 16.67 -4.67
CA LYS A 47 13.06 16.99 -5.77
C LYS A 47 13.13 15.84 -6.79
N GLN A 48 13.14 14.60 -6.30
CA GLN A 48 13.20 13.45 -7.20
C GLN A 48 11.86 13.26 -7.92
N LEU A 49 10.77 13.53 -7.22
CA LEU A 49 9.44 13.40 -7.81
C LEU A 49 9.26 14.41 -8.94
N GLU A 50 9.64 15.66 -8.69
N GLU A 50 9.63 15.67 -8.69
CA GLU A 50 9.50 16.71 -9.70
CA GLU A 50 9.48 16.70 -9.72
C GLU A 50 10.46 16.49 -10.86
C GLU A 50 10.46 16.49 -10.87
N GLN A 51 11.70 16.13 -10.53
CA GLN A 51 12.72 15.90 -11.54
C GLN A 51 12.30 14.82 -12.53
N ASN A 52 11.62 13.80 -12.02
CA ASN A 52 11.19 12.69 -12.86
C ASN A 52 9.71 12.71 -13.20
N HIS A 53 9.04 13.82 -12.92
CA HIS A 53 7.63 13.97 -13.22
C HIS A 53 6.80 12.79 -12.74
N LEU A 54 6.99 12.43 -11.47
CA LEU A 54 6.30 11.31 -10.89
C LEU A 54 5.26 11.70 -9.86
N THR A 55 4.23 10.88 -9.76
CA THR A 55 3.17 11.05 -8.80
C THR A 55 3.47 10.08 -7.67
N LEU A 56 3.30 10.51 -6.42
CA LEU A 56 3.51 9.61 -5.29
C LEU A 56 2.12 9.12 -4.94
N ALA A 57 1.85 7.84 -5.23
CA ALA A 57 0.54 7.25 -5.00
C ALA A 57 0.22 6.81 -3.58
N LEU A 58 1.25 6.42 -2.83
CA LEU A 58 1.02 5.93 -1.48
C LEU A 58 2.30 5.65 -0.68
N PHE A 59 2.17 5.71 0.64
CA PHE A 59 3.26 5.35 1.54
C PHE A 59 2.63 5.02 2.90
N ASN A 60 3.42 4.46 3.80
CA ASN A 60 2.94 4.02 5.10
C ASN A 60 3.35 4.88 6.29
N THR A 61 2.65 4.69 7.40
CA THR A 61 3.04 5.35 8.64
C THR A 61 4.20 4.45 9.08
N ALA A 62 5.06 4.95 9.97
CA ALA A 62 6.23 4.20 10.43
C ALA A 62 5.93 2.83 11.07
N PRO A 63 6.89 1.90 10.97
CA PRO A 63 6.73 0.55 11.53
C PRO A 63 7.08 0.39 13.01
N GLY A 64 7.80 1.37 13.54
CA GLY A 64 8.22 1.27 14.92
C GLY A 64 9.58 0.59 14.88
N ASP A 65 9.84 -0.31 15.82
CA ASP A 65 11.12 -1.03 15.87
C ASP A 65 10.94 -2.40 15.22
N ILE A 66 11.29 -2.51 13.94
CA ILE A 66 11.14 -3.77 13.21
C ILE A 66 11.87 -4.95 13.82
N ASN A 67 13.03 -4.68 14.42
CA ASN A 67 13.82 -5.75 15.01
C ASN A 67 13.29 -6.19 16.36
N ALA A 68 12.36 -5.43 16.92
CA ALA A 68 11.74 -5.78 18.19
C ALA A 68 10.46 -6.54 17.85
N GLY A 69 10.21 -6.70 16.54
CA GLY A 69 9.04 -7.42 16.09
C GLY A 69 7.83 -6.55 15.81
N GLU A 70 8.03 -5.24 15.76
CA GLU A 70 6.91 -4.32 15.50
C GLU A 70 6.68 -4.10 14.01
N TRP A 71 5.42 -3.87 13.66
CA TRP A 71 5.04 -3.60 12.27
C TRP A 71 3.82 -2.70 12.36
N GLY A 72 4.00 -1.57 13.04
CA GLY A 72 2.91 -0.62 13.23
C GLY A 72 2.65 -0.36 14.70
N LEU A 73 2.30 0.88 15.03
CA LEU A 73 2.02 1.22 16.42
C LEU A 73 0.56 1.55 16.68
N SER A 74 -0.21 1.74 15.60
CA SER A 74 -1.62 2.10 15.76
C SER A 74 -2.56 1.06 16.36
N ALA A 75 -2.11 -0.18 16.50
CA ALA A 75 -2.96 -1.19 17.10
C ALA A 75 -2.46 -1.59 18.49
N LEU A 76 -1.40 -0.91 18.94
CA LEU A 76 -0.78 -1.24 20.22
C LEU A 76 -1.22 -0.42 21.43
N PRO A 77 -1.88 -1.06 22.41
CA PRO A 77 -2.35 -0.38 23.61
C PRO A 77 -1.19 0.28 24.34
N GLY A 78 -1.40 1.49 24.82
CA GLY A 78 -0.35 2.20 25.54
C GLY A 78 0.66 2.92 24.67
N ARG A 79 0.51 2.82 23.35
CA ARG A 79 1.43 3.48 22.44
C ARG A 79 0.68 4.50 21.58
N GLU A 80 -0.56 4.78 21.96
CA GLU A 80 -1.41 5.71 21.21
C GLU A 80 -0.78 7.06 20.89
N HIS A 81 -0.08 7.67 21.85
CA HIS A 81 0.52 8.97 21.59
C HIS A 81 1.63 8.89 20.54
N GLU A 82 2.32 7.74 20.50
CA GLU A 82 3.38 7.54 19.53
C GLU A 82 2.75 7.27 18.16
N ALA A 83 1.60 6.60 18.17
CA ALA A 83 0.89 6.30 16.93
C ALA A 83 0.40 7.61 16.32
N HIS A 84 -0.14 8.48 17.14
CA HIS A 84 -0.62 9.77 16.66
C HIS A 84 0.55 10.54 16.08
N ALA A 85 1.71 10.44 16.71
CA ALA A 85 2.90 11.11 16.22
C ALA A 85 3.26 10.58 14.84
N ASP A 86 3.14 9.27 14.66
CA ASP A 86 3.44 8.62 13.37
C ASP A 86 2.46 9.11 12.31
N ILE A 87 1.19 9.21 12.71
CA ILE A 87 0.14 9.65 11.81
C ILE A 87 0.35 11.12 11.42
N ASP A 88 0.69 11.95 12.41
CA ASP A 88 0.93 13.36 12.13
C ASP A 88 2.12 13.55 11.20
N LEU A 89 3.19 12.77 11.39
CA LEU A 89 4.36 12.91 10.54
C LEU A 89 4.03 12.48 9.12
N ALA A 90 3.21 11.45 8.98
CA ALA A 90 2.81 10.96 7.67
C ALA A 90 2.04 12.06 6.95
N LEU A 91 1.21 12.79 7.69
CA LEU A 91 0.44 13.88 7.10
C LEU A 91 1.39 14.96 6.61
N GLU A 92 2.41 15.26 7.40
CA GLU A 92 3.38 16.27 7.01
C GLU A 92 4.04 15.89 5.69
N TYR A 93 4.41 14.61 5.55
CA TYR A 93 5.02 14.13 4.32
C TYR A 93 4.02 14.11 3.16
N ALA A 94 2.79 13.66 3.42
CA ALA A 94 1.77 13.59 2.38
C ALA A 94 1.45 14.98 1.81
N LEU A 95 1.45 15.99 2.67
CA LEU A 95 1.19 17.35 2.22
C LEU A 95 2.32 17.87 1.34
N ALA A 96 3.56 17.72 1.82
CA ALA A 96 4.74 18.18 1.11
C ALA A 96 5.00 17.44 -0.20
N LEU A 97 4.64 16.16 -0.24
CA LEU A 97 4.88 15.35 -1.43
C LEU A 97 3.66 15.19 -2.34
N ASN A 98 2.60 15.92 -2.04
N ASN A 98 2.60 15.90 -2.02
CA ASN A 98 1.38 15.85 -2.83
CA ASN A 98 1.37 15.87 -2.80
C ASN A 98 0.86 14.42 -2.99
C ASN A 98 0.84 14.44 -2.99
N CYS A 99 0.78 13.70 -1.87
CA CYS A 99 0.29 12.33 -1.89
C CYS A 99 -1.12 12.32 -1.30
N GLU A 100 -2.06 11.77 -2.06
CA GLU A 100 -3.46 11.73 -1.65
C GLU A 100 -3.82 10.70 -0.57
N GLN A 101 -2.97 9.70 -0.37
CA GLN A 101 -3.31 8.68 0.61
C GLN A 101 -2.15 8.07 1.40
N VAL A 102 -2.46 7.66 2.61
CA VAL A 102 -1.49 7.03 3.50
C VAL A 102 -2.07 5.78 4.13
N HIS A 103 -1.27 4.73 4.16
CA HIS A 103 -1.67 3.47 4.76
C HIS A 103 -1.21 3.53 6.21
N VAL A 104 -2.17 3.54 7.12
CA VAL A 104 -1.86 3.57 8.55
C VAL A 104 -1.70 2.14 9.06
N MSE A 105 -0.46 1.76 9.31
CA MSE A 105 -0.16 0.42 9.77
C MSE A 105 -0.79 0.11 11.12
O MSE A 105 -0.88 0.99 11.99
CB MSE A 105 1.36 0.22 9.86
CG MSE A 105 2.11 0.63 8.61
SE MSE A 105 3.94 -0.06 8.60
CE MSE A 105 4.13 -0.36 10.46
N ALA A 106 -1.22 -1.13 11.29
CA ALA A 106 -1.86 -1.58 12.52
C ALA A 106 -0.80 -2.05 13.52
N GLY A 107 -0.43 -3.32 13.44
CA GLY A 107 0.58 -3.84 14.35
C GLY A 107 0.46 -5.33 14.57
N VAL A 108 1.50 -5.91 15.15
CA VAL A 108 1.54 -7.33 15.44
C VAL A 108 1.00 -7.55 16.85
N VAL A 109 0.18 -8.57 17.03
CA VAL A 109 -0.39 -8.88 18.33
C VAL A 109 0.46 -9.96 19.02
N PRO A 110 1.12 -9.60 20.12
CA PRO A 110 1.95 -10.56 20.87
C PRO A 110 1.15 -11.79 21.28
N ALA A 111 1.81 -12.95 21.32
CA ALA A 111 1.15 -14.18 21.72
C ALA A 111 0.53 -14.00 23.10
N GLY A 112 -0.67 -14.54 23.29
CA GLY A 112 -1.34 -14.43 24.56
C GLY A 112 -2.14 -13.16 24.74
N GLU A 113 -1.78 -12.11 24.01
CA GLU A 113 -2.49 -10.84 24.10
C GLU A 113 -3.87 -10.94 23.47
N ASP A 114 -4.79 -10.10 23.95
CA ASP A 114 -6.15 -10.09 23.44
C ASP A 114 -6.24 -9.23 22.17
N ALA A 115 -6.49 -9.88 21.04
CA ALA A 115 -6.59 -9.18 19.76
C ALA A 115 -7.72 -8.15 19.73
N GLU A 116 -8.78 -8.40 20.47
CA GLU A 116 -9.91 -7.47 20.50
C GLU A 116 -9.51 -6.10 21.02
N ARG A 117 -8.68 -6.10 22.07
CA ARG A 117 -8.21 -4.85 22.67
C ARG A 117 -7.36 -4.07 21.67
N TYR A 118 -6.58 -4.78 20.87
CA TYR A 118 -5.73 -4.16 19.87
C TYR A 118 -6.57 -3.60 18.72
N ARG A 119 -7.62 -4.33 18.37
CA ARG A 119 -8.51 -3.91 17.29
C ARG A 119 -9.24 -2.62 17.67
N ALA A 120 -9.71 -2.56 18.91
CA ALA A 120 -10.41 -1.37 19.40
C ALA A 120 -9.50 -0.16 19.34
N VAL A 121 -8.24 -0.35 19.74
CA VAL A 121 -7.27 0.73 19.73
C VAL A 121 -6.97 1.16 18.29
N PHE A 122 -6.90 0.19 17.38
CA PHE A 122 -6.63 0.49 15.98
C PHE A 122 -7.74 1.33 15.37
N ILE A 123 -8.99 0.95 15.64
CA ILE A 123 -10.13 1.69 15.12
C ILE A 123 -10.11 3.15 15.57
N ASP A 124 -9.75 3.40 16.83
CA ASP A 124 -9.70 4.78 17.32
C ASP A 124 -8.55 5.57 16.68
N ASN A 125 -7.44 4.91 16.42
CA ASN A 125 -6.30 5.57 15.78
C ASN A 125 -6.61 5.86 14.32
N ILE A 126 -7.36 4.98 13.67
CA ILE A 126 -7.72 5.20 12.27
C ILE A 126 -8.68 6.40 12.20
N ARG A 127 -9.58 6.50 13.18
CA ARG A 127 -10.51 7.62 13.22
C ARG A 127 -9.73 8.92 13.40
N TYR A 128 -8.69 8.88 14.22
CA TYR A 128 -7.84 10.05 14.43
C TYR A 128 -7.17 10.45 13.13
N ALA A 129 -6.61 9.45 12.44
CA ALA A 129 -5.94 9.71 11.17
C ALA A 129 -6.93 10.28 10.16
N ALA A 130 -8.10 9.67 10.09
CA ALA A 130 -9.14 10.11 9.15
C ALA A 130 -9.54 11.56 9.37
N ASP A 131 -9.70 11.95 10.62
CA ASP A 131 -10.10 13.31 10.95
C ASP A 131 -9.00 14.34 10.71
N ARG A 132 -7.74 13.91 10.82
CA ARG A 132 -6.62 14.81 10.57
C ARG A 132 -6.41 15.00 9.07
N PHE A 133 -6.66 13.94 8.30
CA PHE A 133 -6.48 13.96 6.85
C PHE A 133 -7.62 14.56 6.04
N ALA A 134 -8.84 14.44 6.55
CA ALA A 134 -10.02 14.94 5.84
C ALA A 134 -9.97 16.42 5.40
N PRO A 135 -9.53 17.33 6.29
CA PRO A 135 -9.47 18.75 5.91
C PRO A 135 -8.60 19.02 4.70
N HIS A 136 -7.66 18.11 4.43
CA HIS A 136 -6.74 18.25 3.31
C HIS A 136 -7.18 17.44 2.10
N GLY A 137 -8.38 16.86 2.18
CA GLY A 137 -8.89 16.07 1.08
C GLY A 137 -8.11 14.80 0.82
N LYS A 138 -7.42 14.31 1.86
CA LYS A 138 -6.62 13.10 1.73
C LYS A 138 -7.35 11.92 2.37
N ARG A 139 -6.91 10.70 2.06
CA ARG A 139 -7.58 9.54 2.63
C ARG A 139 -6.63 8.59 3.35
N ILE A 140 -7.22 7.70 4.15
CA ILE A 140 -6.49 6.74 4.95
C ILE A 140 -6.80 5.33 4.50
N LEU A 141 -5.75 4.53 4.33
CA LEU A 141 -5.94 3.16 3.87
C LEU A 141 -5.62 2.13 4.94
N VAL A 142 -6.33 1.00 4.88
N VAL A 142 -6.33 1.00 4.90
CA VAL A 142 -6.18 -0.10 5.81
CA VAL A 142 -6.10 -0.08 5.83
C VAL A 142 -5.80 -1.33 4.99
C VAL A 142 -5.78 -1.30 4.99
N GLU A 143 -4.65 -1.93 5.28
CA GLU A 143 -4.21 -3.09 4.52
C GLU A 143 -4.08 -4.42 5.27
N ALA A 144 -4.85 -5.41 4.85
CA ALA A 144 -4.78 -6.73 5.46
C ALA A 144 -3.48 -7.38 4.97
N LEU A 145 -2.80 -8.10 5.86
CA LEU A 145 -1.54 -8.76 5.49
C LEU A 145 -1.63 -10.26 5.74
N SER A 146 -1.24 -11.06 4.76
CA SER A 146 -1.27 -12.51 4.91
C SER A 146 -0.25 -12.96 5.94
N PRO A 147 -0.52 -14.08 6.64
CA PRO A 147 0.39 -14.59 7.67
C PRO A 147 1.79 -15.01 7.18
N GLY A 148 1.88 -15.38 5.91
CA GLY A 148 3.17 -15.78 5.36
C GLY A 148 4.10 -14.58 5.28
N VAL A 149 3.52 -13.39 5.16
CA VAL A 149 4.31 -12.16 5.07
C VAL A 149 4.50 -11.52 6.45
N LYS A 150 3.44 -11.52 7.26
CA LYS A 150 3.54 -10.94 8.60
C LYS A 150 2.75 -11.74 9.62
N PRO A 151 3.40 -12.74 10.25
CA PRO A 151 2.73 -13.57 11.25
C PRO A 151 2.15 -12.76 12.40
N HIS A 152 0.97 -13.18 12.87
CA HIS A 152 0.30 -12.54 14.00
C HIS A 152 -0.06 -11.07 13.83
N TYR A 153 -0.17 -10.62 12.59
CA TYR A 153 -0.57 -9.23 12.36
C TYR A 153 -2.02 -9.13 12.80
N LEU A 154 -2.48 -7.93 13.15
CA LEU A 154 -3.85 -7.73 13.62
C LEU A 154 -4.94 -8.39 12.76
N PHE A 155 -4.85 -8.23 11.46
CA PHE A 155 -5.84 -8.84 10.57
C PHE A 155 -5.20 -9.24 9.24
N SER A 156 -5.68 -10.36 8.69
CA SER A 156 -5.11 -10.89 7.45
C SER A 156 -6.08 -11.01 6.27
N SER A 157 -7.38 -10.98 6.55
CA SER A 157 -8.39 -11.12 5.51
C SER A 157 -8.96 -9.78 5.05
N GLN A 158 -9.26 -9.68 3.76
CA GLN A 158 -9.83 -8.45 3.22
C GLN A 158 -11.14 -8.17 3.92
N TYR A 159 -11.84 -9.22 4.34
CA TYR A 159 -13.12 -9.04 5.01
C TYR A 159 -12.94 -8.44 6.40
N GLN A 160 -11.81 -8.73 7.04
CA GLN A 160 -11.54 -8.15 8.35
C GLN A 160 -11.23 -6.66 8.13
N ALA A 161 -10.50 -6.37 7.06
CA ALA A 161 -10.16 -4.98 6.76
C ALA A 161 -11.43 -4.20 6.46
N LEU A 162 -12.32 -4.81 5.67
CA LEU A 162 -13.57 -4.17 5.29
C LEU A 162 -14.48 -3.90 6.49
N ALA A 163 -14.55 -4.86 7.40
CA ALA A 163 -15.37 -4.70 8.61
C ALA A 163 -14.82 -3.59 9.49
N ILE A 164 -13.50 -3.52 9.60
CA ILE A 164 -12.85 -2.49 10.40
C ILE A 164 -13.20 -1.10 9.84
N VAL A 165 -13.10 -0.95 8.52
CA VAL A 165 -13.41 0.33 7.88
C VAL A 165 -14.88 0.70 8.09
N GLU A 166 -15.76 -0.29 8.00
CA GLU A 166 -17.19 -0.06 8.18
C GLU A 166 -17.44 0.48 9.59
N GLU A 167 -16.73 -0.06 10.57
CA GLU A 167 -16.88 0.38 11.97
C GLU A 167 -16.23 1.73 12.23
N VAL A 168 -15.17 2.04 11.49
CA VAL A 168 -14.48 3.32 11.62
C VAL A 168 -15.47 4.42 11.26
N ALA A 169 -16.33 4.14 10.29
CA ALA A 169 -17.36 5.08 9.85
C ALA A 169 -16.84 6.46 9.46
N ARG A 170 -16.04 6.50 8.41
CA ARG A 170 -15.48 7.76 7.90
C ARG A 170 -15.53 7.73 6.38
N ASP A 171 -15.87 8.86 5.77
CA ASP A 171 -15.95 8.93 4.32
C ASP A 171 -14.61 8.88 3.60
N ASN A 172 -13.52 9.10 4.33
CA ASN A 172 -12.22 9.09 3.69
C ASN A 172 -11.30 7.94 4.09
N VAL A 173 -11.90 6.84 4.54
CA VAL A 173 -11.14 5.65 4.93
C VAL A 173 -11.59 4.50 4.01
N PHE A 174 -10.60 3.79 3.46
CA PHE A 174 -10.86 2.68 2.53
C PHE A 174 -9.84 1.57 2.78
N ILE A 175 -10.06 0.41 2.16
CA ILE A 175 -9.08 -0.65 2.30
C ILE A 175 -8.09 -0.56 1.16
N GLN A 176 -6.95 -1.17 1.37
CA GLN A 176 -5.87 -1.25 0.38
C GLN A 176 -5.97 -2.71 -0.06
N LEU A 177 -6.49 -2.93 -1.27
CA LEU A 177 -6.66 -4.28 -1.79
C LEU A 177 -5.39 -4.80 -2.46
N ASP A 178 -4.56 -5.48 -1.68
CA ASP A 178 -3.32 -6.05 -2.19
C ASP A 178 -3.73 -7.47 -2.58
N THR A 179 -3.78 -7.73 -3.88
CA THR A 179 -4.21 -9.04 -4.36
C THR A 179 -3.32 -10.21 -3.99
N PHE A 180 -2.09 -9.94 -3.58
CA PHE A 180 -1.19 -11.01 -3.15
C PHE A 180 -1.76 -11.56 -1.84
N HIS A 181 -2.04 -10.67 -0.89
CA HIS A 181 -2.58 -11.10 0.39
C HIS A 181 -3.99 -11.66 0.19
N ALA A 182 -4.79 -11.00 -0.64
CA ALA A 182 -6.16 -11.46 -0.88
C ALA A 182 -6.19 -12.88 -1.43
N GLN A 183 -5.32 -13.19 -2.39
CA GLN A 183 -5.32 -14.53 -2.95
C GLN A 183 -4.75 -15.57 -1.97
N LYS A 184 -3.85 -15.14 -1.11
CA LYS A 184 -3.27 -16.05 -0.12
C LYS A 184 -4.25 -16.43 0.98
N VAL A 185 -5.15 -15.50 1.30
CA VAL A 185 -6.08 -15.69 2.39
C VAL A 185 -7.55 -15.91 2.03
N ASP A 186 -8.06 -15.10 1.10
CA ASP A 186 -9.47 -15.14 0.73
C ASP A 186 -9.91 -15.78 -0.57
N GLY A 187 -9.17 -15.49 -1.64
CA GLY A 187 -9.56 -16.02 -2.93
C GLY A 187 -10.73 -15.18 -3.45
N ASN A 188 -11.46 -15.71 -4.43
CA ASN A 188 -12.60 -15.04 -5.04
C ASN A 188 -12.32 -13.55 -5.26
N LEU A 189 -11.30 -13.26 -6.07
CA LEU A 189 -10.92 -11.88 -6.32
C LEU A 189 -11.98 -11.09 -7.08
N THR A 190 -12.74 -11.78 -7.93
CA THR A 190 -13.79 -11.09 -8.68
C THR A 190 -14.83 -10.51 -7.73
N HIS A 191 -15.19 -11.28 -6.72
CA HIS A 191 -16.17 -10.82 -5.74
C HIS A 191 -15.69 -9.57 -5.02
N LEU A 192 -14.42 -9.57 -4.62
CA LEU A 192 -13.86 -8.42 -3.93
C LEU A 192 -13.80 -7.18 -4.83
N ILE A 193 -13.29 -7.36 -6.04
CA ILE A 193 -13.12 -6.26 -6.98
C ILE A 193 -14.44 -5.68 -7.48
N ARG A 194 -15.39 -6.56 -7.76
CA ARG A 194 -16.68 -6.13 -8.28
C ARG A 194 -17.69 -5.73 -7.21
N ASP A 195 -17.96 -6.62 -6.27
CA ASP A 195 -18.96 -6.34 -5.25
C ASP A 195 -18.55 -5.39 -4.12
N TYR A 196 -17.27 -5.09 -4.02
CA TYR A 196 -16.80 -4.14 -3.02
C TYR A 196 -16.20 -2.92 -3.70
N ALA A 197 -16.50 -2.74 -4.97
CA ALA A 197 -16.00 -1.59 -5.72
C ALA A 197 -16.46 -0.35 -4.95
N GLY A 198 -15.54 0.58 -4.73
CA GLY A 198 -15.86 1.79 -4.00
C GLY A 198 -15.33 1.70 -2.57
N LYS A 199 -15.08 0.48 -2.09
CA LYS A 199 -14.58 0.27 -0.74
C LYS A 199 -13.05 0.19 -0.67
N TYR A 200 -12.39 -0.01 -1.81
CA TYR A 200 -10.93 -0.04 -1.85
C TYR A 200 -10.49 1.17 -2.67
N ALA A 201 -9.50 1.90 -2.18
CA ALA A 201 -9.02 3.09 -2.88
C ALA A 201 -7.68 2.87 -3.56
N HIS A 202 -7.07 1.73 -3.25
CA HIS A 202 -5.77 1.41 -3.82
C HIS A 202 -5.71 -0.10 -4.03
N VAL A 203 -4.92 -0.51 -5.01
CA VAL A 203 -4.75 -1.91 -5.34
C VAL A 203 -3.26 -2.17 -5.52
N GLN A 204 -2.82 -3.37 -5.17
CA GLN A 204 -1.43 -3.76 -5.35
C GLN A 204 -1.44 -5.17 -5.90
N ILE A 205 -0.40 -5.49 -6.67
CA ILE A 205 -0.31 -6.82 -7.27
C ILE A 205 1.09 -7.39 -7.16
N ALA A 206 1.16 -8.72 -7.30
CA ALA A 206 2.40 -9.46 -7.29
C ALA A 206 2.05 -10.87 -7.75
N GLY A 207 3.02 -11.56 -8.33
CA GLY A 207 2.75 -12.90 -8.79
C GLY A 207 2.54 -13.87 -7.64
N LEU A 208 1.60 -14.79 -7.80
CA LEU A 208 1.34 -15.80 -6.79
C LEU A 208 2.02 -17.07 -7.29
N PRO A 209 2.58 -17.89 -6.39
CA PRO A 209 2.62 -17.73 -4.93
C PRO A 209 3.90 -17.15 -4.32
N ASP A 210 4.93 -16.91 -5.13
CA ASP A 210 6.20 -16.41 -4.61
C ASP A 210 6.43 -14.91 -4.59
N ARG A 211 5.42 -14.14 -4.98
CA ARG A 211 5.49 -12.68 -4.98
C ARG A 211 6.53 -12.07 -5.92
N HIS A 212 6.69 -12.65 -7.11
CA HIS A 212 7.63 -12.10 -8.07
C HIS A 212 6.82 -11.40 -9.16
N GLU A 213 7.38 -11.26 -10.36
CA GLU A 213 6.69 -10.61 -11.46
C GLU A 213 5.24 -11.09 -11.62
N PRO A 214 4.31 -10.17 -11.95
CA PRO A 214 2.88 -10.46 -12.14
C PRO A 214 2.47 -11.04 -13.49
N ASP A 215 3.41 -11.58 -14.26
CA ASP A 215 3.06 -12.13 -15.58
C ASP A 215 3.08 -13.64 -15.58
N ASP A 216 2.89 -14.24 -14.41
CA ASP A 216 2.87 -15.68 -14.27
C ASP A 216 2.35 -15.99 -12.87
N GLY A 217 2.01 -17.24 -12.61
CA GLY A 217 1.49 -17.60 -11.30
C GLY A 217 0.04 -18.03 -11.40
N GLU A 218 -0.59 -18.33 -10.26
CA GLU A 218 -1.96 -18.81 -10.32
C GLU A 218 -3.00 -17.78 -10.70
N ILE A 219 -2.67 -16.49 -10.58
CA ILE A 219 -3.62 -15.44 -10.93
C ILE A 219 -3.35 -14.87 -12.32
N ASN A 220 -4.39 -14.80 -13.14
CA ASN A 220 -4.31 -14.26 -14.49
C ASN A 220 -4.59 -12.76 -14.38
N TYR A 221 -3.54 -11.98 -14.19
CA TYR A 221 -3.71 -10.54 -14.02
C TYR A 221 -4.34 -9.78 -15.18
N PRO A 222 -3.98 -10.13 -16.43
CA PRO A 222 -4.61 -9.39 -17.54
C PRO A 222 -6.13 -9.43 -17.43
N TRP A 223 -6.66 -10.56 -16.98
CA TRP A 223 -8.11 -10.70 -16.83
C TRP A 223 -8.59 -9.80 -15.69
N LEU A 224 -7.82 -9.71 -14.62
CA LEU A 224 -8.20 -8.86 -13.50
C LEU A 224 -8.27 -7.40 -13.93
N PHE A 225 -7.34 -7.01 -14.81
CA PHE A 225 -7.30 -5.63 -15.28
C PHE A 225 -8.58 -5.28 -16.03
N ARG A 226 -9.12 -6.23 -16.78
CA ARG A 226 -10.35 -6.02 -17.51
C ARG A 226 -11.47 -5.75 -16.50
N LEU A 227 -11.43 -6.46 -15.39
CA LEU A 227 -12.43 -6.30 -14.32
C LEU A 227 -12.35 -4.90 -13.74
N PHE A 228 -11.13 -4.44 -13.46
CA PHE A 228 -10.94 -3.12 -12.89
C PHE A 228 -11.51 -2.04 -13.82
N ASP A 229 -11.37 -2.27 -15.13
N ASP A 229 -11.36 -2.26 -15.12
CA ASP A 229 -11.91 -1.31 -16.09
CA ASP A 229 -11.88 -1.31 -16.10
C ASP A 229 -13.44 -1.32 -16.00
C ASP A 229 -13.40 -1.33 -16.05
N GLU A 230 -14.02 -2.52 -16.01
N GLU A 230 -13.97 -2.52 -15.99
CA GLU A 230 -15.46 -2.68 -15.95
CA GLU A 230 -15.42 -2.70 -15.93
C GLU A 230 -16.08 -1.94 -14.78
C GLU A 230 -16.06 -1.93 -14.79
N VAL A 231 -15.48 -2.07 -13.60
CA VAL A 231 -16.01 -1.41 -12.40
C VAL A 231 -15.61 0.06 -12.32
N GLY A 232 -14.83 0.52 -13.30
CA GLY A 232 -14.41 1.91 -13.32
C GLY A 232 -13.42 2.31 -12.25
N TYR A 233 -12.53 1.39 -11.87
CA TYR A 233 -11.53 1.72 -10.87
C TYR A 233 -10.68 2.87 -11.42
N GLN A 234 -10.57 3.95 -10.66
CA GLN A 234 -9.80 5.12 -11.11
C GLN A 234 -8.48 5.36 -10.37
N GLY A 235 -8.15 4.47 -9.44
CA GLY A 235 -6.91 4.65 -8.69
C GLY A 235 -5.69 4.06 -9.37
N TRP A 236 -4.64 3.83 -8.60
CA TRP A 236 -3.41 3.25 -9.12
C TRP A 236 -3.30 1.79 -8.72
N ILE A 237 -2.49 1.05 -9.46
CA ILE A 237 -2.24 -0.35 -9.15
C ILE A 237 -0.75 -0.40 -8.81
N GLY A 238 -0.45 -0.54 -7.51
CA GLY A 238 0.93 -0.60 -7.09
C GLY A 238 1.55 -1.96 -7.40
N CYS A 239 2.74 -1.95 -7.97
CA CYS A 239 3.42 -3.20 -8.31
C CYS A 239 4.39 -3.46 -7.19
N GLU A 240 3.93 -4.23 -6.21
CA GLU A 240 4.71 -4.53 -5.03
C GLU A 240 5.12 -6.00 -5.04
N TYR A 241 6.24 -6.27 -5.71
CA TYR A 241 6.73 -7.62 -5.81
C TYR A 241 8.25 -7.60 -5.77
N LYS A 242 8.85 -8.74 -5.45
N LYS A 242 8.84 -8.75 -5.46
CA LYS A 242 10.30 -8.85 -5.41
CA LYS A 242 10.29 -8.89 -5.42
C LYS A 242 10.71 -9.46 -6.75
C LYS A 242 10.70 -9.47 -6.76
N PRO A 243 11.45 -8.70 -7.57
CA PRO A 243 11.88 -9.22 -8.87
C PRO A 243 12.58 -10.56 -8.69
N ARG A 244 12.32 -11.51 -9.58
CA ARG A 244 12.95 -12.82 -9.49
C ARG A 244 14.46 -12.64 -9.53
N GLY A 245 14.91 -11.73 -10.39
CA GLY A 245 16.33 -11.45 -10.51
C GLY A 245 16.52 -9.94 -10.53
N LEU A 246 17.13 -9.42 -11.59
CA LEU A 246 17.32 -7.98 -11.71
C LEU A 246 15.98 -7.34 -12.09
N THR A 247 15.66 -6.22 -11.46
CA THR A 247 14.40 -5.55 -11.74
C THR A 247 14.13 -5.33 -13.23
N GLU A 248 15.09 -4.71 -13.90
N GLU A 248 15.09 -4.70 -13.90
CA GLU A 248 14.95 -4.41 -15.32
CA GLU A 248 14.95 -4.42 -15.32
C GLU A 248 14.75 -5.67 -16.18
C GLU A 248 14.74 -5.67 -16.18
N GLU A 249 15.43 -6.75 -15.83
CA GLU A 249 15.31 -8.00 -16.59
C GLU A 249 13.93 -8.64 -16.52
N GLY A 250 13.11 -8.23 -15.56
CA GLY A 250 11.78 -8.81 -15.45
C GLY A 250 10.64 -7.86 -15.76
N LEU A 251 10.92 -6.76 -16.46
CA LEU A 251 9.89 -5.78 -16.78
C LEU A 251 9.11 -6.02 -18.08
N GLY A 252 9.29 -7.19 -18.68
CA GLY A 252 8.58 -7.50 -19.92
C GLY A 252 7.07 -7.35 -19.78
N TRP A 253 6.53 -7.74 -18.62
CA TRP A 253 5.10 -7.64 -18.37
C TRP A 253 4.60 -6.21 -18.47
N PHE A 254 5.42 -5.26 -18.01
CA PHE A 254 5.06 -3.85 -18.02
C PHE A 254 4.93 -3.30 -19.44
N ASP A 255 5.95 -3.51 -20.25
CA ASP A 255 5.95 -3.04 -21.62
C ASP A 255 4.74 -3.57 -22.39
N ALA A 256 4.38 -4.82 -22.12
CA ALA A 256 3.25 -5.44 -22.79
C ALA A 256 1.91 -4.81 -22.42
N TRP A 257 1.65 -4.72 -21.12
CA TRP A 257 0.39 -4.17 -20.64
C TRP A 257 0.25 -2.64 -20.79
N ARG A 258 1.37 -1.93 -20.83
CA ARG A 258 1.32 -0.48 -20.98
C ARG A 258 1.30 -0.10 -22.46
N GLY A 259 1.90 -0.94 -23.28
CA GLY A 259 1.93 -0.68 -24.71
C GLY A 259 0.62 -1.04 -25.38
N SER A 260 -0.13 -1.94 -24.76
CA SER A 260 -1.41 -2.37 -25.29
C SER A 260 -2.43 -1.24 -25.19
MG MG B . 0.88 -4.44 -0.01
MG MG C . -10.75 -18.00 2.42
C1 GOL D . 0.16 4.41 -17.41
O1 GOL D . 0.07 5.82 -17.37
C2 GOL D . 0.83 3.87 -16.14
O2 GOL D . 0.86 2.45 -16.14
C3 GOL D . 2.22 4.47 -15.95
O3 GOL D . 2.74 4.14 -14.67
C1 GOL E . 13.96 2.66 2.12
O1 GOL E . 14.66 2.85 0.90
C2 GOL E . 12.48 2.38 1.87
O2 GOL E . 12.32 1.28 0.95
C3 GOL E . 11.73 2.11 3.17
O3 GOL E . 10.38 1.79 2.92
C FMT F . 2.91 -5.69 2.07
O1 FMT F . 3.38 -6.68 2.66
O2 FMT F . 1.95 -5.80 1.29
#